data_1N1G
#
_entry.id   1N1G
#
_cell.length_a   70.421
_cell.length_b   70.421
_cell.length_c   210.908
_cell.angle_alpha   90.00
_cell.angle_beta   90.00
_cell.angle_gamma   90.00
#
_symmetry.space_group_name_H-M   'P 41 21 2'
#
loop_
_entity.id
_entity.type
_entity.pdbx_description
1 polymer 'glycerol-3-phosphate dehydrogenase'
2 non-polymer 2-BROMO-6-CHLORO-PURINE
3 non-polymer 'PALMITIC ACID'
4 water water
#
_entity_poly.entity_id   1
_entity_poly.type   'polypeptide(L)'
_entity_poly.pdbx_seq_one_letter_code
;MSTKQHSAKDELLYLNKAVVFGSGAFGTALAMVLSKKCREVCVWHMNEEEVRLVNEKRENVLFLKGVQLASNITFTSDVE
KAYNGAEIILFVIPTQFLRGFFEKSGGNLIAYAKEKQVPVLVCTKGIERSTLKFPAEIIGEFLPSPLLSVLAGPSFAIEV
ATGVFTCVSIASADINVARRLQRIMSTGDRSFVCWATTDTVGCEVASAVKNVLAIGSGVANGLGMGLNARAALIMRGLLE
IRDLTAALGGDGSAVFGLAGLGDLQLTCSSELSRNFTVGKKLGKGLPIEEIQRTSKAVAEGVATADPLMRLAKQLKVKMP
LCHQIYEIVYKKKNPRDALADLLSCGLQDEGLPPLFKRSASTPSKL
;
_entity_poly.pdbx_strand_id   A
#
# COMPACT_ATOMS: atom_id res chain seq x y z
N LYS A 9 -6.10 17.04 -20.81
CA LYS A 9 -4.78 16.93 -21.49
C LYS A 9 -4.20 15.53 -21.32
N ASP A 10 -3.83 14.92 -22.44
CA ASP A 10 -3.24 13.57 -22.45
C ASP A 10 -1.71 13.60 -22.63
N GLU A 11 -1.16 14.80 -22.76
CA GLU A 11 0.29 15.03 -22.87
C GLU A 11 0.97 14.87 -21.51
N LEU A 12 2.08 14.14 -21.48
CA LEU A 12 2.79 13.86 -20.22
C LEU A 12 3.53 15.09 -19.67
N LEU A 13 3.80 15.08 -18.37
CA LEU A 13 4.58 16.14 -17.76
C LEU A 13 5.94 15.64 -17.31
N TYR A 14 6.97 16.41 -17.64
CA TYR A 14 8.34 16.08 -17.25
C TYR A 14 8.85 17.13 -16.27
N LEU A 15 9.71 16.70 -15.34
CA LEU A 15 10.09 17.55 -14.23
C LEU A 15 11.60 17.57 -14.08
N ASN A 16 12.11 18.59 -13.39
CA ASN A 16 13.52 18.64 -13.07
C ASN A 16 13.91 17.72 -11.92
N LYS A 17 13.07 17.67 -10.88
CA LYS A 17 13.40 16.87 -9.70
C LYS A 17 12.19 16.21 -9.03
N ALA A 18 12.44 15.02 -8.51
CA ALA A 18 11.50 14.28 -7.70
C ALA A 18 12.25 13.80 -6.47
N VAL A 19 11.55 13.74 -5.34
CA VAL A 19 12.11 13.16 -4.13
C VAL A 19 11.20 12.04 -3.65
N VAL A 20 11.80 10.94 -3.25
CA VAL A 20 11.09 9.82 -2.67
C VAL A 20 11.57 9.63 -1.24
N PHE A 21 10.66 9.80 -0.28
CA PHE A 21 10.97 9.53 1.13
C PHE A 21 10.59 8.10 1.46
N GLY A 22 11.59 7.26 1.67
CA GLY A 22 11.35 5.84 1.88
C GLY A 22 12.12 5.05 0.86
N SER A 23 12.85 4.04 1.31
CA SER A 23 13.84 3.36 0.49
C SER A 23 13.61 1.86 0.42
N GLY A 24 12.36 1.44 0.66
CA GLY A 24 11.99 0.04 0.53
C GLY A 24 11.93 -0.39 -0.93
N ALA A 25 11.51 -1.63 -1.16
CA ALA A 25 11.39 -2.18 -2.50
C ALA A 25 10.49 -1.30 -3.38
N PHE A 26 9.33 -0.93 -2.85
CA PHE A 26 8.33 -0.18 -3.59
C PHE A 26 8.78 1.25 -3.86
N GLY A 27 9.36 1.88 -2.85
CA GLY A 27 9.90 3.22 -2.99
C GLY A 27 10.97 3.30 -4.05
N THR A 28 11.91 2.36 -4.01
CA THR A 28 12.97 2.25 -5.03
C THR A 28 12.40 2.04 -6.43
N ALA A 29 11.43 1.14 -6.57
CA ALA A 29 10.77 0.87 -7.86
C ALA A 29 10.15 2.14 -8.46
N LEU A 30 9.52 2.96 -7.62
CA LEU A 30 8.91 4.21 -8.06
C LEU A 30 9.93 5.29 -8.45
N ALA A 31 11.07 5.28 -7.77
CA ALA A 31 12.24 6.07 -8.16
C ALA A 31 12.70 5.66 -9.55
N MET A 32 12.71 4.36 -9.83
CA MET A 32 12.96 3.87 -11.20
C MET A 32 11.95 4.42 -12.20
N VAL A 33 10.67 4.43 -11.83
CA VAL A 33 9.62 5.00 -12.67
C VAL A 33 9.83 6.49 -12.89
N LEU A 34 10.13 7.22 -11.81
CA LEU A 34 10.30 8.67 -11.90
C LEU A 34 11.58 9.06 -12.66
N SER A 35 12.59 8.20 -12.63
CA SER A 35 13.85 8.46 -13.36
C SER A 35 13.66 8.61 -14.87
N LYS A 36 12.55 8.14 -15.40
CA LYS A 36 12.23 8.29 -16.81
C LYS A 36 11.43 9.57 -17.09
N LYS A 37 11.07 10.30 -16.04
CA LYS A 37 10.17 11.45 -16.16
C LYS A 37 10.72 12.71 -15.48
N CYS A 38 11.73 12.52 -14.63
CA CYS A 38 12.40 13.62 -13.96
C CYS A 38 13.90 13.52 -14.20
N ARG A 39 14.53 14.66 -14.46
CA ARG A 39 15.98 14.69 -14.65
C ARG A 39 16.76 14.13 -13.44
N GLU A 40 16.29 14.48 -12.24
CA GLU A 40 16.96 14.12 -11.00
C GLU A 40 15.97 13.43 -10.03
N VAL A 41 16.40 12.36 -9.39
CA VAL A 41 15.57 11.69 -8.40
C VAL A 41 16.40 11.40 -7.16
N CYS A 42 15.98 11.96 -6.03
CA CYS A 42 16.59 11.64 -4.75
C CYS A 42 15.73 10.63 -4.00
N VAL A 43 16.36 9.63 -3.42
CA VAL A 43 15.68 8.71 -2.53
C VAL A 43 16.27 8.87 -1.13
N TRP A 44 15.47 9.38 -0.20
CA TRP A 44 15.90 9.57 1.19
C TRP A 44 15.90 8.26 1.99
N HIS A 45 16.97 8.04 2.73
CA HIS A 45 17.15 6.88 3.58
C HIS A 45 18.03 7.33 4.76
N MET A 46 17.56 7.08 5.98
CA MET A 46 18.16 7.71 7.17
C MET A 46 19.60 7.33 7.53
N ASN A 47 20.04 6.12 7.16
CA ASN A 47 21.38 5.63 7.49
C ASN A 47 22.45 6.03 6.46
N GLU A 48 23.39 6.88 6.89
CA GLU A 48 24.46 7.40 6.01
C GLU A 48 25.37 6.31 5.43
N GLU A 49 25.76 5.36 6.27
CA GLU A 49 26.62 4.24 5.88
C GLU A 49 25.97 3.37 4.79
N GLU A 50 24.67 3.15 4.91
CA GLU A 50 23.91 2.36 3.94
C GLU A 50 23.64 3.15 2.66
N VAL A 51 23.49 4.47 2.80
CA VAL A 51 23.32 5.37 1.65
C VAL A 51 24.55 5.33 0.75
N ARG A 52 25.72 5.33 1.38
CA ARG A 52 26.99 5.32 0.66
C ARG A 52 27.17 4.03 -0.12
N LEU A 53 26.87 2.91 0.55
CA LEU A 53 26.93 1.59 -0.06
C LEU A 53 26.06 1.50 -1.32
N VAL A 54 24.82 1.98 -1.22
CA VAL A 54 23.85 1.91 -2.32
C VAL A 54 24.28 2.77 -3.53
N ASN A 55 24.79 3.97 -3.26
CA ASN A 55 25.29 4.85 -4.31
C ASN A 55 26.55 4.32 -5.02
N GLU A 56 27.42 3.65 -4.25
CA GLU A 56 28.63 3.03 -4.80
C GLU A 56 28.28 1.81 -5.65
N LYS A 57 27.42 0.95 -5.10
CA LYS A 57 27.01 -0.28 -5.76
C LYS A 57 26.01 -0.07 -6.91
N ARG A 58 25.46 1.15 -7.00
CA ARG A 58 24.44 1.50 -7.99
C ARG A 58 23.26 0.51 -7.96
N GLU A 59 22.83 0.17 -6.75
CA GLU A 59 21.87 -0.90 -6.53
C GLU A 59 21.42 -0.88 -5.07
N ASN A 60 20.11 -0.82 -4.85
CA ASN A 60 19.55 -0.97 -3.50
C ASN A 60 19.69 -2.42 -3.04
N VAL A 61 20.88 -2.75 -2.53
CA VAL A 61 21.21 -4.12 -2.13
C VAL A 61 20.47 -4.57 -0.87
N LEU A 62 19.81 -3.64 -0.19
CA LEU A 62 19.08 -3.98 1.02
C LEU A 62 17.63 -4.39 0.75
N PHE A 63 16.96 -3.72 -0.20
CA PHE A 63 15.53 -3.96 -0.43
C PHE A 63 15.10 -4.20 -1.89
N LEU A 64 16.03 -4.08 -2.83
CA LEU A 64 15.73 -4.36 -4.23
C LEU A 64 16.94 -4.99 -4.94
N LYS A 65 17.40 -6.12 -4.41
CA LYS A 65 18.58 -6.81 -4.92
C LYS A 65 18.39 -7.23 -6.37
N GLY A 66 19.47 -7.06 -7.15
CA GLY A 66 19.52 -7.51 -8.53
C GLY A 66 18.96 -6.53 -9.55
N VAL A 67 18.69 -5.30 -9.14
CA VAL A 67 18.16 -4.27 -10.04
C VAL A 67 19.09 -3.06 -10.08
N GLN A 68 19.57 -2.73 -11.26
CA GLN A 68 20.48 -1.60 -11.44
C GLN A 68 19.72 -0.28 -11.44
N LEU A 69 20.10 0.61 -10.53
CA LEU A 69 19.48 1.93 -10.45
C LEU A 69 19.83 2.77 -11.65
N ALA A 70 18.88 3.57 -12.11
CA ALA A 70 19.15 4.56 -13.14
C ALA A 70 20.22 5.52 -12.63
N SER A 71 21.09 5.96 -13.53
CA SER A 71 22.22 6.83 -13.17
C SER A 71 21.77 8.17 -12.54
N ASN A 72 20.54 8.58 -12.83
CA ASN A 72 19.98 9.84 -12.29
C ASN A 72 19.18 9.66 -10.97
N ILE A 73 19.42 8.53 -10.30
CA ILE A 73 18.86 8.28 -8.97
C ILE A 73 19.98 8.35 -7.94
N THR A 74 19.81 9.22 -6.94
CA THR A 74 20.80 9.36 -5.87
C THR A 74 20.15 9.13 -4.52
N PHE A 75 20.72 8.22 -3.74
CA PHE A 75 20.31 8.02 -2.35
C PHE A 75 20.96 9.09 -1.44
N THR A 76 20.24 9.49 -0.40
CA THR A 76 20.71 10.56 0.48
C THR A 76 20.12 10.43 1.89
N SER A 77 20.92 10.76 2.90
CA SER A 77 20.45 10.72 4.30
C SER A 77 20.03 12.10 4.81
N ASP A 78 20.15 13.10 3.95
CA ASP A 78 19.91 14.49 4.31
C ASP A 78 18.55 14.95 3.77
N VAL A 79 17.60 15.15 4.69
CA VAL A 79 16.22 15.49 4.34
C VAL A 79 16.15 16.75 3.48
N GLU A 80 16.95 17.75 3.86
CA GLU A 80 16.93 19.08 3.24
C GLU A 80 17.41 19.04 1.79
N LYS A 81 18.48 18.29 1.55
CA LYS A 81 18.99 18.09 0.19
C LYS A 81 18.06 17.20 -0.62
N ALA A 82 17.42 16.23 0.06
CA ALA A 82 16.48 15.35 -0.61
C ALA A 82 15.34 16.10 -1.29
N TYR A 83 14.65 16.96 -0.55
CA TYR A 83 13.47 17.65 -1.09
C TYR A 83 13.77 18.96 -1.82
N ASN A 84 14.94 19.54 -1.58
CA ASN A 84 15.29 20.86 -2.15
C ASN A 84 15.20 20.88 -3.68
N GLY A 85 14.31 21.71 -4.21
CA GLY A 85 14.10 21.77 -5.66
C GLY A 85 13.12 20.76 -6.25
N ALA A 86 12.58 19.85 -5.41
CA ALA A 86 11.66 18.81 -5.90
C ALA A 86 10.34 19.39 -6.39
N GLU A 87 9.80 18.81 -7.46
CA GLU A 87 8.50 19.23 -7.99
C GLU A 87 7.38 18.21 -7.74
N ILE A 88 7.75 17.08 -7.16
CA ILE A 88 6.80 16.09 -6.64
C ILE A 88 7.45 15.40 -5.45
N ILE A 89 6.66 15.12 -4.42
CA ILE A 89 7.17 14.43 -3.24
C ILE A 89 6.42 13.13 -3.04
N LEU A 90 7.16 12.03 -2.91
CA LEU A 90 6.55 10.74 -2.64
C LEU A 90 6.85 10.31 -1.21
N PHE A 91 5.85 9.80 -0.51
CA PHE A 91 6.04 9.19 0.80
C PHE A 91 5.80 7.69 0.78
N VAL A 92 6.82 6.94 1.19
CA VAL A 92 6.75 5.48 1.32
C VAL A 92 7.36 5.08 2.66
N ILE A 93 7.54 6.03 3.55
CA ILE A 93 7.94 5.74 4.93
C ILE A 93 6.86 4.84 5.56
N PRO A 94 7.26 3.73 6.21
CA PRO A 94 6.28 2.86 6.88
C PRO A 94 5.43 3.62 7.89
N THR A 95 4.18 3.18 8.05
CA THR A 95 3.15 3.89 8.82
C THR A 95 3.59 4.29 10.23
N GLN A 96 4.20 3.37 10.94
CA GLN A 96 4.64 3.60 12.32
C GLN A 96 5.69 4.71 12.49
N PHE A 97 6.42 5.07 11.44
CA PHE A 97 7.46 6.09 11.52
C PHE A 97 7.04 7.41 10.91
N LEU A 98 5.85 7.45 10.30
CA LEU A 98 5.41 8.62 9.55
C LEU A 98 5.32 9.87 10.41
N ARG A 99 4.55 9.79 11.50
CA ARG A 99 4.33 10.92 12.39
C ARG A 99 5.66 11.41 12.97
N GLY A 100 6.46 10.46 13.47
CA GLY A 100 7.77 10.75 14.03
C GLY A 100 8.65 11.50 13.04
N PHE A 101 8.59 11.11 11.77
CA PHE A 101 9.38 11.76 10.74
C PHE A 101 9.02 13.25 10.58
N PHE A 102 7.73 13.55 10.48
CA PHE A 102 7.29 14.93 10.35
C PHE A 102 7.59 15.76 11.59
N GLU A 103 7.45 15.16 12.77
CA GLU A 103 7.68 15.84 14.04
C GLU A 103 9.16 16.19 14.20
N LYS A 104 10.03 15.24 13.88
CA LYS A 104 11.49 15.38 14.05
C LYS A 104 12.22 16.07 12.91
N SER A 105 11.77 15.87 11.66
CA SER A 105 12.53 16.31 10.48
C SER A 105 11.72 16.97 9.37
N GLY A 106 10.45 17.24 9.61
CA GLY A 106 9.57 17.73 8.56
C GLY A 106 9.31 19.22 8.55
N GLY A 107 9.86 19.95 9.52
CA GLY A 107 9.56 21.36 9.69
C GLY A 107 9.80 22.19 8.44
N ASN A 108 11.02 22.10 7.91
CA ASN A 108 11.38 22.82 6.68
C ASN A 108 10.69 22.25 5.45
N LEU A 109 10.63 20.91 5.38
CA LEU A 109 9.92 20.19 4.32
C LEU A 109 8.46 20.67 4.16
N ILE A 110 7.75 20.79 5.28
CA ILE A 110 6.35 21.21 5.26
C ILE A 110 6.22 22.64 4.74
N ALA A 111 7.08 23.54 5.23
CA ALA A 111 7.10 24.93 4.79
C ALA A 111 7.30 25.02 3.28
N TYR A 112 8.30 24.30 2.78
CA TYR A 112 8.60 24.25 1.34
C TYR A 112 7.42 23.76 0.51
N ALA A 113 6.82 22.64 0.92
CA ALA A 113 5.68 22.06 0.21
C ALA A 113 4.49 23.00 0.19
N LYS A 114 4.22 23.64 1.34
CA LYS A 114 3.17 24.64 1.47
C LYS A 114 3.42 25.84 0.54
N GLU A 115 4.63 26.40 0.62
CA GLU A 115 4.98 27.60 -0.12
C GLU A 115 4.99 27.38 -1.65
N LYS A 116 5.64 26.31 -2.09
CA LYS A 116 5.78 26.02 -3.52
C LYS A 116 4.63 25.23 -4.13
N GLN A 117 3.65 24.83 -3.30
CA GLN A 117 2.50 24.04 -3.76
C GLN A 117 2.92 22.74 -4.48
N VAL A 118 3.87 22.03 -3.88
CA VAL A 118 4.44 20.81 -4.45
C VAL A 118 3.50 19.62 -4.20
N PRO A 119 3.05 18.97 -5.27
CA PRO A 119 2.18 17.78 -5.14
C PRO A 119 2.86 16.69 -4.31
N VAL A 120 2.08 16.07 -3.44
CA VAL A 120 2.59 15.02 -2.58
C VAL A 120 1.83 13.75 -2.91
N LEU A 121 2.55 12.65 -3.06
CA LEU A 121 1.95 11.40 -3.45
C LEU A 121 2.19 10.36 -2.37
N VAL A 122 1.11 9.89 -1.76
CA VAL A 122 1.21 8.93 -0.67
C VAL A 122 1.16 7.48 -1.19
N CYS A 123 2.20 6.72 -0.87
CA CYS A 123 2.29 5.31 -1.28
C CYS A 123 2.43 4.38 -0.09
N THR A 124 2.55 4.96 1.11
CA THR A 124 2.56 4.19 2.34
C THR A 124 1.22 3.51 2.56
N LYS A 125 1.26 2.31 3.12
CA LYS A 125 0.08 1.50 3.39
C LYS A 125 0.11 1.01 4.83
N GLY A 126 -1.05 1.03 5.50
CA GLY A 126 -1.16 0.56 6.86
C GLY A 126 -2.15 1.34 7.70
N ILE A 127 -2.17 1.03 9.00
CA ILE A 127 -3.00 1.73 9.97
C ILE A 127 -2.10 2.07 11.16
N GLU A 128 -2.11 3.34 11.58
CA GLU A 128 -1.37 3.77 12.77
C GLU A 128 -2.05 3.22 14.02
N ARG A 129 -1.26 2.60 14.90
CA ARG A 129 -1.81 1.93 16.09
C ARG A 129 -2.46 2.89 17.09
N SER A 130 -1.83 4.05 17.31
CA SER A 130 -2.33 4.98 18.33
C SER A 130 -3.60 5.74 17.91
N THR A 131 -3.76 6.02 16.62
CA THR A 131 -4.91 6.83 16.18
C THR A 131 -5.90 6.09 15.28
N LEU A 132 -5.54 4.88 14.84
CA LEU A 132 -6.32 4.14 13.82
C LEU A 132 -6.57 4.98 12.56
N LYS A 133 -5.56 5.74 12.18
CA LYS A 133 -5.62 6.59 11.01
C LYS A 133 -4.78 5.97 9.87
N PHE A 134 -5.18 6.27 8.64
CA PHE A 134 -4.49 5.75 7.46
C PHE A 134 -3.39 6.73 7.06
N PRO A 135 -2.40 6.29 6.27
CA PRO A 135 -1.23 7.12 5.98
C PRO A 135 -1.52 8.51 5.39
N ALA A 136 -2.37 8.63 4.37
CA ALA A 136 -2.66 9.94 3.80
C ALA A 136 -3.39 10.84 4.79
N GLU A 137 -4.05 10.23 5.77
CA GLU A 137 -4.74 10.98 6.80
C GLU A 137 -3.74 11.55 7.80
N ILE A 138 -2.73 10.74 8.13
CA ILE A 138 -1.65 11.17 9.01
C ILE A 138 -0.89 12.33 8.37
N ILE A 139 -0.47 12.13 7.12
CA ILE A 139 0.28 13.13 6.36
C ILE A 139 -0.54 14.43 6.20
N GLY A 140 -1.85 14.28 6.08
CA GLY A 140 -2.76 15.41 5.97
C GLY A 140 -2.91 16.26 7.24
N GLU A 141 -2.38 15.76 8.35
CA GLU A 141 -2.27 16.56 9.57
C GLU A 141 -1.15 17.58 9.42
N PHE A 142 -0.25 17.33 8.48
CA PHE A 142 0.93 18.17 8.34
C PHE A 142 0.94 18.95 7.04
N LEU A 143 0.59 18.29 5.94
CA LEU A 143 0.54 18.93 4.62
C LEU A 143 -0.91 19.16 4.21
N PRO A 144 -1.20 20.32 3.62
CA PRO A 144 -2.58 20.61 3.21
C PRO A 144 -3.14 19.56 2.25
N SER A 145 -4.31 19.04 2.60
CA SER A 145 -4.99 17.99 1.84
C SER A 145 -5.18 18.19 0.32
N PRO A 146 -5.37 19.43 -0.15
CA PRO A 146 -5.42 19.72 -1.59
C PRO A 146 -4.18 19.28 -2.39
N LEU A 147 -3.04 19.14 -1.72
CA LEU A 147 -1.80 18.71 -2.36
C LEU A 147 -1.65 17.18 -2.33
N LEU A 148 -2.61 16.49 -1.70
CA LEU A 148 -2.43 15.08 -1.37
C LEU A 148 -3.12 14.14 -2.34
N SER A 149 -2.34 13.17 -2.82
CA SER A 149 -2.89 12.09 -3.63
C SER A 149 -2.41 10.78 -3.09
N VAL A 150 -3.13 9.72 -3.44
CA VAL A 150 -2.75 8.36 -3.08
C VAL A 150 -2.52 7.53 -4.33
N LEU A 151 -1.42 6.79 -4.33
CA LEU A 151 -1.16 5.81 -5.39
C LEU A 151 -1.36 4.37 -4.90
N ALA A 152 -2.18 3.60 -5.62
CA ALA A 152 -2.48 2.23 -5.27
C ALA A 152 -2.92 1.45 -6.50
N GLY A 153 -2.60 0.16 -6.53
CA GLY A 153 -2.92 -0.70 -7.65
C GLY A 153 -2.06 -1.97 -7.63
N PRO A 154 -2.30 -2.89 -8.57
CA PRO A 154 -1.55 -4.15 -8.62
C PRO A 154 -0.13 -3.90 -9.15
N SER A 155 0.85 -3.90 -8.24
CA SER A 155 2.18 -3.41 -8.57
C SER A 155 3.31 -4.05 -7.75
N PHE A 156 3.66 -5.30 -8.07
CA PHE A 156 4.87 -5.92 -7.54
C PHE A 156 6.06 -5.02 -7.83
N ALA A 157 6.88 -4.77 -6.82
CA ALA A 157 7.98 -3.80 -6.92
C ALA A 157 8.97 -4.14 -8.05
N ILE A 158 9.35 -5.42 -8.14
CA ILE A 158 10.33 -5.84 -9.14
C ILE A 158 9.83 -5.64 -10.58
N GLU A 159 8.55 -5.94 -10.81
CA GLU A 159 7.94 -5.72 -12.12
C GLU A 159 7.91 -4.23 -12.46
N VAL A 160 7.58 -3.40 -11.48
CA VAL A 160 7.58 -1.94 -11.65
C VAL A 160 9.01 -1.40 -11.90
N ALA A 161 9.97 -1.87 -11.11
CA ALA A 161 11.37 -1.43 -11.21
C ALA A 161 12.04 -1.77 -12.55
N THR A 162 11.69 -2.92 -13.14
CA THR A 162 12.30 -3.33 -14.41
C THR A 162 11.48 -2.94 -15.64
N GLY A 163 10.42 -2.14 -15.43
CA GLY A 163 9.62 -1.61 -16.52
C GLY A 163 8.58 -2.53 -17.12
N VAL A 164 8.26 -3.63 -16.45
CA VAL A 164 7.21 -4.54 -16.93
C VAL A 164 5.81 -3.93 -16.71
N PHE A 165 4.96 -4.02 -17.75
CA PHE A 165 3.67 -3.33 -17.80
C PHE A 165 2.83 -3.39 -16.52
N THR A 166 2.50 -2.20 -16.02
CA THR A 166 1.82 -2.01 -14.75
C THR A 166 0.81 -0.87 -14.85
N CYS A 167 -0.38 -1.10 -14.32
CA CYS A 167 -1.43 -0.10 -14.20
C CYS A 167 -1.69 0.18 -12.72
N VAL A 168 -1.74 1.45 -12.34
CA VAL A 168 -2.13 1.82 -10.97
C VAL A 168 -3.23 2.88 -11.01
N SER A 169 -3.84 3.15 -9.87
CA SER A 169 -4.73 4.29 -9.79
C SER A 169 -4.13 5.35 -8.90
N ILE A 170 -4.44 6.60 -9.23
CA ILE A 170 -4.05 7.72 -8.41
C ILE A 170 -5.36 8.32 -7.91
N ALA A 171 -5.49 8.43 -6.59
CA ALA A 171 -6.71 8.96 -5.99
C ALA A 171 -6.50 10.34 -5.35
N SER A 172 -7.46 11.22 -5.57
CA SER A 172 -7.47 12.55 -4.97
C SER A 172 -8.91 13.04 -4.86
N ALA A 173 -9.23 13.71 -3.75
CA ALA A 173 -10.60 14.22 -3.53
C ALA A 173 -11.05 15.10 -4.69
N ASP A 174 -10.14 15.95 -5.13
CA ASP A 174 -10.31 16.73 -6.36
C ASP A 174 -9.70 15.93 -7.50
N ILE A 175 -10.55 15.44 -8.39
CA ILE A 175 -10.13 14.64 -9.54
C ILE A 175 -9.03 15.32 -10.38
N ASN A 176 -9.07 16.65 -10.47
CA ASN A 176 -8.07 17.39 -11.25
C ASN A 176 -6.65 17.30 -10.71
N VAL A 177 -6.52 17.10 -9.40
CA VAL A 177 -5.22 16.86 -8.80
C VAL A 177 -4.69 15.48 -9.21
N ALA A 178 -5.55 14.45 -9.10
CA ALA A 178 -5.23 13.11 -9.57
C ALA A 178 -4.80 13.13 -11.04
N ARG A 179 -5.51 13.92 -11.84
CA ARG A 179 -5.24 14.03 -13.28
C ARG A 179 -3.88 14.66 -13.58
N ARG A 180 -3.46 15.62 -12.77
CA ARG A 180 -2.11 16.19 -12.91
C ARG A 180 -1.03 15.15 -12.57
N LEU A 181 -1.22 14.43 -11.48
CA LEU A 181 -0.30 13.39 -11.04
C LEU A 181 -0.19 12.25 -12.06
N GLN A 182 -1.32 11.97 -12.72
CA GLN A 182 -1.42 11.00 -13.79
C GLN A 182 -0.44 11.30 -14.92
N ARG A 183 -0.27 12.58 -15.21
CA ARG A 183 0.57 13.08 -16.28
C ARG A 183 2.04 13.02 -15.88
N ILE A 184 2.30 13.06 -14.58
CA ILE A 184 3.64 13.03 -14.05
C ILE A 184 4.14 11.59 -13.91
N MET A 185 3.28 10.70 -13.42
CA MET A 185 3.69 9.33 -13.09
C MET A 185 3.66 8.37 -14.28
N SER A 186 2.83 8.66 -15.28
CA SER A 186 2.77 7.83 -16.47
C SER A 186 3.98 7.99 -17.38
N THR A 187 4.57 6.85 -17.77
CA THR A 187 5.80 6.85 -18.56
C THR A 187 5.57 6.96 -20.07
N GLY A 188 6.58 7.46 -20.78
CA GLY A 188 6.55 7.66 -22.22
C GLY A 188 6.43 6.40 -23.06
N ASP A 189 6.90 5.27 -22.54
CA ASP A 189 6.73 4.00 -23.25
C ASP A 189 5.43 3.24 -22.88
N ARG A 190 4.55 3.88 -22.11
CA ARG A 190 3.30 3.28 -21.63
C ARG A 190 3.50 2.01 -20.79
N SER A 191 4.67 1.85 -20.19
CA SER A 191 4.96 0.71 -19.31
C SER A 191 4.35 0.90 -17.91
N PHE A 192 4.15 2.15 -17.52
CA PHE A 192 3.54 2.47 -16.23
C PHE A 192 2.38 3.41 -16.53
N VAL A 193 1.17 2.91 -16.32
CA VAL A 193 -0.06 3.62 -16.70
C VAL A 193 -0.90 3.89 -15.44
N CYS A 194 -1.43 5.11 -15.35
CA CYS A 194 -2.12 5.59 -14.17
C CYS A 194 -3.53 5.96 -14.55
N TRP A 195 -4.48 5.60 -13.68
CA TRP A 195 -5.89 5.92 -13.87
C TRP A 195 -6.38 6.80 -12.72
N ALA A 196 -7.09 7.87 -13.03
CA ALA A 196 -7.51 8.84 -12.02
C ALA A 196 -8.82 8.43 -11.34
N THR A 197 -8.89 8.66 -10.03
CA THR A 197 -10.11 8.41 -9.26
C THR A 197 -10.21 9.37 -8.07
N THR A 198 -11.38 9.43 -7.43
CA THR A 198 -11.55 10.30 -6.25
C THR A 198 -11.43 9.54 -4.92
N ASP A 199 -11.47 8.21 -4.98
CA ASP A 199 -11.72 7.42 -3.78
C ASP A 199 -10.46 7.13 -2.96
N THR A 200 -9.95 8.15 -2.27
CA THR A 200 -8.75 8.02 -1.45
C THR A 200 -8.95 7.05 -0.30
N VAL A 201 -10.11 7.11 0.34
CA VAL A 201 -10.46 6.21 1.44
C VAL A 201 -10.48 4.74 0.99
N GLY A 202 -11.24 4.43 -0.06
CA GLY A 202 -11.24 3.09 -0.63
C GLY A 202 -9.84 2.56 -0.92
N CYS A 203 -8.99 3.37 -1.56
CA CYS A 203 -7.61 2.99 -1.84
C CYS A 203 -6.87 2.62 -0.57
N GLU A 204 -6.95 3.50 0.43
CA GLU A 204 -6.22 3.28 1.68
C GLU A 204 -6.76 2.07 2.45
N VAL A 205 -8.08 1.89 2.45
CA VAL A 205 -8.69 0.70 3.07
C VAL A 205 -8.22 -0.58 2.38
N ALA A 206 -8.40 -0.65 1.05
CA ALA A 206 -7.95 -1.81 0.27
C ALA A 206 -6.48 -2.15 0.54
N SER A 207 -5.65 -1.11 0.62
CA SER A 207 -4.21 -1.27 0.78
C SER A 207 -3.83 -1.90 2.12
N ALA A 208 -4.60 -1.56 3.16
CA ALA A 208 -4.41 -2.07 4.50
C ALA A 208 -5.02 -3.47 4.64
N VAL A 209 -6.26 -3.62 4.21
CA VAL A 209 -6.97 -4.89 4.38
C VAL A 209 -6.37 -6.03 3.53
N LYS A 210 -5.87 -5.71 2.32
CA LYS A 210 -5.34 -6.78 1.45
C LYS A 210 -4.30 -7.63 2.17
N ASN A 211 -3.51 -7.02 3.05
CA ASN A 211 -2.41 -7.70 3.72
C ASN A 211 -2.89 -8.68 4.77
N VAL A 212 -4.02 -8.36 5.38
CA VAL A 212 -4.69 -9.25 6.34
C VAL A 212 -5.36 -10.41 5.61
N LEU A 213 -5.99 -10.14 4.47
CA LEU A 213 -6.64 -11.19 3.68
C LEU A 213 -5.61 -12.14 3.05
N ALA A 214 -4.43 -11.61 2.73
CA ALA A 214 -3.37 -12.44 2.16
C ALA A 214 -2.85 -13.50 3.16
N ILE A 215 -2.95 -13.21 4.45
CA ILE A 215 -2.69 -14.21 5.48
C ILE A 215 -3.73 -15.34 5.42
N GLY A 216 -5.00 -14.95 5.34
CA GLY A 216 -6.09 -15.90 5.15
C GLY A 216 -5.90 -16.77 3.91
N SER A 217 -5.40 -16.15 2.85
CA SER A 217 -5.13 -16.88 1.62
C SER A 217 -4.08 -17.96 1.87
N GLY A 218 -3.11 -17.63 2.71
CA GLY A 218 -2.11 -18.60 3.15
C GLY A 218 -2.74 -19.70 3.98
N VAL A 219 -3.56 -19.32 4.95
CA VAL A 219 -4.28 -20.27 5.80
C VAL A 219 -5.03 -21.29 4.94
N ALA A 220 -5.79 -20.80 3.96
CA ALA A 220 -6.50 -21.66 3.02
C ALA A 220 -5.59 -22.67 2.33
N ASN A 221 -4.42 -22.23 1.86
CA ASN A 221 -3.44 -23.15 1.24
C ASN A 221 -2.89 -24.19 2.23
N GLY A 222 -2.59 -23.77 3.46
CA GLY A 222 -2.10 -24.67 4.50
C GLY A 222 -3.14 -25.64 5.05
N LEU A 223 -4.42 -25.28 4.91
CA LEU A 223 -5.53 -26.16 5.27
C LEU A 223 -5.79 -27.24 4.21
N GLY A 224 -5.14 -27.11 3.06
CA GLY A 224 -5.33 -28.04 1.95
C GLY A 224 -6.28 -27.57 0.85
N MET A 225 -6.85 -26.37 0.99
CA MET A 225 -7.78 -25.83 -0.02
C MET A 225 -7.06 -25.40 -1.30
N GLY A 226 -7.81 -25.17 -2.37
CA GLY A 226 -7.19 -24.92 -3.67
C GLY A 226 -7.44 -23.52 -4.18
N LEU A 227 -7.45 -23.37 -5.50
CA LEU A 227 -7.63 -22.06 -6.12
C LEU A 227 -9.07 -21.54 -6.10
N ASN A 228 -10.05 -22.44 -6.09
CA ASN A 228 -11.45 -22.05 -5.94
C ASN A 228 -11.65 -21.32 -4.61
N ALA A 229 -11.06 -21.85 -3.54
CA ALA A 229 -11.13 -21.25 -2.20
C ALA A 229 -10.52 -19.85 -2.17
N ARG A 230 -9.33 -19.71 -2.74
CA ARG A 230 -8.65 -18.43 -2.86
C ARG A 230 -9.51 -17.41 -3.60
N ALA A 231 -10.08 -17.81 -4.72
CA ALA A 231 -10.97 -16.95 -5.48
C ALA A 231 -12.18 -16.49 -4.65
N ALA A 232 -12.77 -17.40 -3.86
CA ALA A 232 -13.89 -17.04 -2.98
C ALA A 232 -13.48 -16.09 -1.85
N LEU A 233 -12.30 -16.31 -1.27
CA LEU A 233 -11.71 -15.44 -0.24
C LEU A 233 -11.53 -14.01 -0.74
N ILE A 234 -10.99 -13.87 -1.95
CA ILE A 234 -10.85 -12.58 -2.60
C ILE A 234 -12.21 -11.86 -2.70
N MET A 235 -13.21 -12.58 -3.21
CA MET A 235 -14.54 -12.02 -3.50
CA MET A 235 -14.52 -11.99 -3.49
C MET A 235 -15.29 -11.62 -2.24
N ARG A 236 -15.24 -12.49 -1.23
CA ARG A 236 -15.92 -12.20 0.03
C ARG A 236 -15.18 -11.10 0.81
N GLY A 237 -13.84 -11.18 0.79
CA GLY A 237 -12.99 -10.18 1.42
C GLY A 237 -13.13 -8.79 0.82
N LEU A 238 -13.40 -8.73 -0.48
CA LEU A 238 -13.67 -7.45 -1.14
C LEU A 238 -14.90 -6.74 -0.56
N LEU A 239 -15.89 -7.51 -0.14
CA LEU A 239 -17.09 -6.96 0.48
C LEU A 239 -16.82 -6.33 1.84
N GLU A 240 -15.81 -6.84 2.54
CA GLU A 240 -15.37 -6.27 3.81
C GLU A 240 -14.62 -4.95 3.61
N ILE A 241 -13.80 -4.88 2.56
CA ILE A 241 -13.17 -3.64 2.13
C ILE A 241 -14.24 -2.58 1.79
N ARG A 242 -15.27 -2.99 1.05
CA ARG A 242 -16.39 -2.12 0.71
C ARG A 242 -17.12 -1.56 1.94
N ASP A 243 -17.52 -2.43 2.87
CA ASP A 243 -18.26 -2.00 4.06
C ASP A 243 -17.44 -1.09 5.00
N LEU A 244 -16.15 -1.39 5.17
CA LEU A 244 -15.29 -0.52 5.95
C LEU A 244 -15.11 0.82 5.25
N THR A 245 -15.02 0.82 3.92
CA THR A 245 -14.93 2.05 3.16
C THR A 245 -16.17 2.95 3.37
N ALA A 246 -17.35 2.35 3.25
CA ALA A 246 -18.62 3.05 3.50
C ALA A 246 -18.62 3.74 4.87
N ALA A 247 -18.34 2.95 5.91
CA ALA A 247 -18.33 3.43 7.30
C ALA A 247 -17.35 4.57 7.53
N LEU A 248 -16.27 4.61 6.75
CA LEU A 248 -15.24 5.64 6.92
C LEU A 248 -15.50 6.90 6.11
N GLY A 249 -16.59 6.94 5.35
CA GLY A 249 -16.95 8.12 4.57
C GLY A 249 -16.45 8.12 3.14
N GLY A 250 -15.86 7.02 2.71
CA GLY A 250 -15.36 6.92 1.34
C GLY A 250 -16.48 6.76 0.34
N ASP A 251 -16.24 7.19 -0.89
CA ASP A 251 -17.25 7.08 -1.92
C ASP A 251 -17.28 5.67 -2.53
N GLY A 252 -16.19 4.93 -2.37
CA GLY A 252 -16.13 3.52 -2.73
C GLY A 252 -15.88 3.18 -4.20
N SER A 253 -15.61 4.18 -5.02
CA SER A 253 -15.39 3.93 -6.45
C SER A 253 -14.07 3.23 -6.78
N ALA A 254 -13.16 3.10 -5.82
CA ALA A 254 -11.90 2.41 -6.07
C ALA A 254 -11.95 0.92 -5.71
N VAL A 255 -12.92 0.55 -4.88
CA VAL A 255 -13.08 -0.81 -4.36
C VAL A 255 -13.07 -1.90 -5.45
N PHE A 256 -13.79 -1.65 -6.53
CA PHE A 256 -13.87 -2.60 -7.62
C PHE A 256 -12.92 -2.25 -8.77
N GLY A 257 -11.99 -1.33 -8.54
CA GLY A 257 -10.98 -0.98 -9.52
C GLY A 257 -9.60 -1.52 -9.19
N LEU A 258 -8.57 -0.93 -9.79
CA LEU A 258 -7.18 -1.39 -9.64
C LEU A 258 -6.68 -1.38 -8.20
N ALA A 259 -7.08 -0.36 -7.45
CA ALA A 259 -6.68 -0.21 -6.05
C ALA A 259 -7.33 -1.23 -5.12
N GLY A 260 -8.56 -1.64 -5.45
CA GLY A 260 -9.30 -2.57 -4.63
C GLY A 260 -9.09 -4.00 -5.07
N LEU A 261 -10.02 -4.51 -5.88
CA LEU A 261 -9.96 -5.88 -6.39
C LEU A 261 -8.64 -6.21 -7.09
N GLY A 262 -8.16 -5.29 -7.91
CA GLY A 262 -6.90 -5.46 -8.64
C GLY A 262 -5.73 -5.79 -7.74
N ASP A 263 -5.47 -4.92 -6.77
CA ASP A 263 -4.35 -5.14 -5.87
C ASP A 263 -4.60 -6.32 -4.97
N LEU A 264 -5.87 -6.51 -4.58
CA LEU A 264 -6.23 -7.58 -3.66
C LEU A 264 -6.01 -8.97 -4.25
N GLN A 265 -6.46 -9.17 -5.50
CA GLN A 265 -6.28 -10.46 -6.14
C GLN A 265 -4.78 -10.79 -6.38
N LEU A 266 -3.99 -9.77 -6.72
CA LEU A 266 -2.56 -9.95 -6.90
C LEU A 266 -1.86 -10.33 -5.60
N THR A 267 -2.17 -9.62 -4.52
CA THR A 267 -1.57 -9.84 -3.21
C THR A 267 -1.91 -11.22 -2.62
N CYS A 268 -3.14 -11.67 -2.85
CA CYS A 268 -3.58 -12.95 -2.30
C CYS A 268 -3.04 -14.15 -3.09
N SER A 269 -2.63 -13.91 -4.33
CA SER A 269 -2.05 -14.93 -5.20
C SER A 269 -0.53 -14.99 -5.11
N SER A 270 0.05 -14.14 -4.26
CA SER A 270 1.49 -14.04 -4.14
C SER A 270 2.05 -15.09 -3.16
N GLU A 271 2.25 -16.31 -3.66
CA GLU A 271 2.59 -17.49 -2.85
C GLU A 271 3.90 -17.40 -2.04
N LEU A 272 4.83 -16.57 -2.50
CA LEU A 272 6.14 -16.49 -1.87
C LEU A 272 6.25 -15.33 -0.87
N SER A 273 5.21 -14.50 -0.81
CA SER A 273 5.19 -13.34 0.09
C SER A 273 5.10 -13.75 1.56
N ARG A 274 5.61 -12.88 2.42
CA ARG A 274 5.59 -13.09 3.87
C ARG A 274 4.20 -13.32 4.46
N ASN A 275 3.20 -12.56 4.02
CA ASN A 275 1.82 -12.75 4.51
C ASN A 275 1.34 -14.18 4.23
N PHE A 276 1.57 -14.63 3.01
CA PHE A 276 1.13 -15.95 2.57
C PHE A 276 1.80 -17.08 3.36
N THR A 277 3.13 -17.03 3.50
CA THR A 277 3.83 -18.11 4.19
C THR A 277 3.51 -18.16 5.68
N VAL A 278 3.31 -16.99 6.30
CA VAL A 278 2.82 -16.93 7.68
C VAL A 278 1.45 -17.60 7.80
N GLY A 279 0.55 -17.28 6.88
CA GLY A 279 -0.77 -17.87 6.84
C GLY A 279 -0.74 -19.36 6.58
N LYS A 280 0.15 -19.79 5.70
CA LYS A 280 0.35 -21.21 5.38
C LYS A 280 0.80 -21.99 6.61
N LYS A 281 1.80 -21.45 7.32
CA LYS A 281 2.32 -22.09 8.54
C LYS A 281 1.26 -22.18 9.63
N LEU A 282 0.43 -21.15 9.75
CA LEU A 282 -0.68 -21.17 10.71
C LEU A 282 -1.72 -22.21 10.31
N GLY A 283 -1.97 -22.35 9.02
CA GLY A 283 -2.88 -23.35 8.49
C GLY A 283 -2.39 -24.77 8.71
N LYS A 284 -1.07 -24.95 8.63
CA LYS A 284 -0.45 -26.24 8.93
C LYS A 284 -0.36 -26.51 10.43
N GLY A 285 -0.76 -25.53 11.24
CA GLY A 285 -0.91 -25.75 12.67
C GLY A 285 0.17 -25.20 13.59
N LEU A 286 1.18 -24.54 13.02
CA LEU A 286 2.24 -23.91 13.79
C LEU A 286 1.72 -22.70 14.58
N PRO A 287 2.15 -22.54 15.83
CA PRO A 287 1.80 -21.36 16.62
C PRO A 287 2.58 -20.12 16.14
N ILE A 288 1.96 -18.94 16.25
CA ILE A 288 2.55 -17.70 15.75
C ILE A 288 3.92 -17.35 16.34
N GLU A 289 4.16 -17.75 17.59
CA GLU A 289 5.43 -17.52 18.29
C GLU A 289 6.59 -18.19 17.58
N GLU A 290 6.36 -19.45 17.18
CA GLU A 290 7.32 -20.25 16.43
C GLU A 290 7.59 -19.66 15.02
N ILE A 291 6.56 -19.09 14.41
CA ILE A 291 6.70 -18.43 13.11
C ILE A 291 7.48 -17.12 13.24
N GLN A 292 7.30 -16.45 14.38
CA GLN A 292 7.93 -15.14 14.61
C GLN A 292 9.42 -15.19 15.00
N ARG A 293 9.96 -16.39 15.16
CA ARG A 293 11.38 -16.57 15.45
C ARG A 293 12.23 -16.74 14.18
N ALA A 297 11.65 -10.34 9.49
CA ALA A 297 10.70 -9.23 9.57
C ALA A 297 9.28 -9.69 9.84
N VAL A 298 8.47 -8.80 10.43
CA VAL A 298 7.04 -9.07 10.66
C VAL A 298 6.26 -8.94 9.33
N ALA A 299 5.28 -9.80 9.14
CA ALA A 299 4.40 -9.73 7.97
C ALA A 299 3.42 -8.57 8.17
N GLU A 300 3.22 -7.78 7.12
CA GLU A 300 2.35 -6.62 7.22
C GLU A 300 0.92 -6.96 7.68
N GLY A 301 0.42 -8.12 7.27
CA GLY A 301 -0.91 -8.58 7.68
C GLY A 301 -1.03 -8.83 9.17
N VAL A 302 0.05 -9.34 9.77
CA VAL A 302 0.09 -9.56 11.21
C VAL A 302 -0.03 -8.23 11.94
N ALA A 303 0.77 -7.25 11.53
CA ALA A 303 0.75 -5.93 12.16
C ALA A 303 -0.60 -5.20 12.00
N THR A 304 -1.20 -5.32 10.81
CA THR A 304 -2.44 -4.63 10.47
C THR A 304 -3.69 -5.20 11.17
N ALA A 305 -3.68 -6.50 11.47
CA ALA A 305 -4.88 -7.20 11.96
C ALA A 305 -5.45 -6.67 13.26
N ASP A 306 -4.60 -6.29 14.19
CA ASP A 306 -5.08 -5.80 15.47
C ASP A 306 -5.78 -4.43 15.36
N PRO A 307 -5.09 -3.39 14.88
CA PRO A 307 -5.74 -2.10 14.65
C PRO A 307 -6.87 -2.14 13.63
N LEU A 308 -6.83 -3.07 12.67
CA LEU A 308 -7.99 -3.24 11.77
C LEU A 308 -9.23 -3.68 12.53
N MET A 309 -9.06 -4.64 13.44
CA MET A 309 -10.14 -5.10 14.30
C MET A 309 -10.66 -3.98 15.21
N ARG A 310 -9.73 -3.25 15.83
CA ARG A 310 -10.10 -2.15 16.73
C ARG A 310 -10.87 -1.07 15.99
N LEU A 311 -10.47 -0.81 14.75
CA LEU A 311 -11.15 0.16 13.91
C LEU A 311 -12.54 -0.36 13.48
N ALA A 312 -12.60 -1.64 13.11
CA ALA A 312 -13.87 -2.26 12.73
C ALA A 312 -14.87 -2.19 13.88
N LYS A 313 -14.42 -2.56 15.08
CA LYS A 313 -15.24 -2.50 16.28
C LYS A 313 -15.73 -1.08 16.60
N GLN A 314 -14.85 -0.09 16.48
CA GLN A 314 -15.21 1.31 16.74
C GLN A 314 -16.32 1.81 15.82
N LEU A 315 -16.29 1.35 14.57
CA LEU A 315 -17.25 1.78 13.56
C LEU A 315 -18.44 0.84 13.43
N LYS A 316 -18.42 -0.25 14.19
CA LYS A 316 -19.46 -1.30 14.17
C LYS A 316 -19.58 -1.94 12.80
N VAL A 317 -18.45 -2.21 12.17
CA VAL A 317 -18.42 -2.88 10.87
C VAL A 317 -18.01 -4.33 11.05
N LYS A 318 -18.91 -5.24 10.68
CA LYS A 318 -18.61 -6.67 10.71
C LYS A 318 -17.70 -7.03 9.56
N MET A 319 -16.55 -7.61 9.89
CA MET A 319 -15.60 -8.06 8.88
C MET A 319 -15.27 -9.53 9.13
N PRO A 320 -16.14 -10.44 8.69
CA PRO A 320 -16.05 -11.86 9.07
C PRO A 320 -14.69 -12.50 8.82
N LEU A 321 -14.17 -12.44 7.59
CA LEU A 321 -12.89 -13.07 7.27
C LEU A 321 -11.75 -12.46 8.06
N CYS A 322 -11.67 -11.12 8.04
CA CYS A 322 -10.63 -10.38 8.76
C CYS A 322 -10.66 -10.63 10.27
N HIS A 323 -11.86 -10.70 10.84
CA HIS A 323 -12.01 -11.05 12.26
C HIS A 323 -11.47 -12.44 12.57
N GLN A 324 -11.83 -13.44 11.75
CA GLN A 324 -11.31 -14.79 11.94
C GLN A 324 -9.79 -14.88 11.74
N ILE A 325 -9.25 -14.06 10.84
CA ILE A 325 -7.80 -14.02 10.65
C ILE A 325 -7.12 -13.41 11.87
N TYR A 326 -7.73 -12.36 12.44
CA TYR A 326 -7.25 -11.79 13.70
C TYR A 326 -7.24 -12.84 14.82
N GLU A 327 -8.33 -13.60 14.94
CA GLU A 327 -8.44 -14.64 15.97
C GLU A 327 -7.35 -15.70 15.83
N ILE A 328 -7.04 -16.08 14.58
CA ILE A 328 -6.02 -17.09 14.33
C ILE A 328 -4.63 -16.57 14.69
N VAL A 329 -4.35 -15.33 14.30
CA VAL A 329 -3.05 -14.70 14.52
C VAL A 329 -2.83 -14.30 15.99
N TYR A 330 -3.81 -13.65 16.58
CA TYR A 330 -3.62 -13.00 17.89
C TYR A 330 -4.14 -13.79 19.08
N LYS A 331 -5.13 -14.66 18.85
CA LYS A 331 -5.81 -15.34 19.95
C LYS A 331 -5.78 -16.87 19.83
N LYS A 332 -4.72 -17.39 19.23
CA LYS A 332 -4.42 -18.83 19.19
C LYS A 332 -5.50 -19.73 18.58
N LYS A 333 -6.51 -19.13 17.95
CA LYS A 333 -7.66 -19.89 17.46
C LYS A 333 -7.25 -20.92 16.40
N ASN A 334 -7.72 -22.14 16.58
CA ASN A 334 -7.53 -23.19 15.59
C ASN A 334 -8.17 -22.76 14.26
N PRO A 335 -7.40 -22.83 13.17
CA PRO A 335 -7.87 -22.38 11.86
C PRO A 335 -9.09 -23.13 11.35
N ARG A 336 -9.25 -24.39 11.76
CA ARG A 336 -10.41 -25.17 11.34
C ARG A 336 -11.68 -24.83 12.10
N ASP A 337 -11.52 -24.43 13.36
CA ASP A 337 -12.65 -23.91 14.13
C ASP A 337 -13.07 -22.56 13.56
N ALA A 338 -12.09 -21.78 13.10
CA ALA A 338 -12.35 -20.48 12.51
C ALA A 338 -13.12 -20.63 11.20
N LEU A 339 -12.68 -21.58 10.38
CA LEU A 339 -13.36 -21.90 9.13
C LEU A 339 -14.81 -22.33 9.34
N ALA A 340 -15.03 -23.23 10.30
CA ALA A 340 -16.37 -23.73 10.60
C ALA A 340 -17.26 -22.66 11.21
N ASP A 341 -16.67 -21.77 12.02
CA ASP A 341 -17.39 -20.60 12.54
C ASP A 341 -17.83 -19.67 11.39
N LEU A 342 -16.91 -19.41 10.46
CA LEU A 342 -17.21 -18.65 9.24
C LEU A 342 -18.37 -19.27 8.46
N LEU A 343 -18.41 -20.59 8.38
CA LEU A 343 -19.38 -21.30 7.56
C LEU A 343 -20.64 -21.76 8.32
N SER A 344 -20.88 -21.17 9.48
CA SER A 344 -22.01 -21.55 10.34
C SER A 344 -23.13 -20.54 10.24
N CYS A 345 -23.00 -19.61 9.30
CA CYS A 345 -23.97 -18.54 9.12
C CYS A 345 -25.20 -18.96 8.29
N GLY A 346 -25.20 -20.19 7.75
CA GLY A 346 -26.30 -20.67 6.94
C GLY A 346 -26.27 -20.13 5.52
N LEU A 347 -27.26 -20.51 4.71
CA LEU A 347 -27.30 -20.12 3.31
C LEU A 347 -27.78 -18.68 3.11
N GLN A 348 -27.03 -17.90 2.34
CA GLN A 348 -27.39 -16.49 2.11
C GLN A 348 -27.35 -16.04 0.66
N ASP A 349 -27.89 -14.85 0.43
CA ASP A 349 -27.78 -14.15 -0.85
C ASP A 349 -26.36 -13.63 -0.96
N GLU A 350 -25.91 -13.41 -2.19
CA GLU A 350 -24.56 -12.89 -2.42
C GLU A 350 -24.26 -11.53 -1.77
N GLY A 351 -25.26 -10.66 -1.68
CA GLY A 351 -25.06 -9.35 -1.03
C GLY A 351 -24.47 -8.25 -1.92
N LEU A 352 -24.70 -8.36 -3.23
CA LEU A 352 -24.35 -7.28 -4.12
C LEU A 352 -25.62 -6.61 -4.65
N PRO A 353 -25.68 -5.28 -4.57
CA PRO A 353 -26.81 -4.53 -5.14
C PRO A 353 -26.76 -4.59 -6.66
N PRO A 354 -27.90 -4.45 -7.34
CA PRO A 354 -27.89 -4.35 -8.81
C PRO A 354 -27.19 -3.07 -9.25
N LEU A 355 -26.55 -3.13 -10.41
CA LEU A 355 -25.90 -1.96 -11.01
C LEU A 355 -26.89 -1.15 -11.83
N PHE A 356 -27.90 -1.84 -12.36
CA PHE A 356 -28.82 -1.27 -13.35
C PHE A 356 -30.26 -1.54 -12.97
N LYS A 357 -31.12 -0.55 -13.22
CA LYS A 357 -32.53 -0.61 -12.88
C LYS A 357 -33.39 -0.81 -14.13
#